data_4CXF
#
_entry.id   4CXF
#
_cell.length_a   61.010
_cell.length_b   79.122
_cell.length_c   80.537
_cell.angle_alpha   90.00
_cell.angle_beta   90.00
_cell.angle_gamma   90.00
#
_symmetry.space_group_name_H-M   'I 2 2 2'
#
loop_
_entity.id
_entity.type
_entity.pdbx_description
1 polymer 'RNA POLYMERASE SIGMA FACTOR CNRH'
2 polymer CNRY
3 non-polymer 'SULFATE ION'
4 non-polymer 'CHLORIDE ION'
5 water water
#
loop_
_entity_poly.entity_id
_entity_poly.type
_entity_poly.pdbx_seq_one_letter_code
_entity_poly.pdbx_strand_id
1 'polypeptide(L)'
;MNPEDADRILAAQAASGNQRAFGQLVARHGVALAQAARSFGIPETDVDDVVQDTFVAAWHALDDFDPDRPFRAWLFRIGL
NKMRDLYRFRRVRQFLFGAENLGDLELAGGVANDEPGPEQQVAARLELARVASTLGKLDTGSREVIVLTAIVGMSQPEAA
AVLGLSVKAVEGRIGRARAKLSALLDADSEK
;
A
2 'polypeptide(L)'
;MADVEEWLTHARKVTQEASIGVDVTSIQECISAEPAQRVLVARRDAWRAICCAAFAALVAFAAINRVATIMLEKPAPTWV
ATPSAASPFGLLIGK
;
B
#
# COMPACT_ATOMS: atom_id res chain seq x y z
N ASP A 5 -5.14 -3.03 20.84
CA ASP A 5 -5.09 -2.51 19.49
C ASP A 5 -5.57 -1.05 19.43
N ALA A 6 -4.64 -0.14 19.20
CA ALA A 6 -4.95 1.28 19.15
C ALA A 6 -5.92 1.59 18.03
N ASP A 7 -5.71 0.95 16.88
CA ASP A 7 -6.56 1.17 15.72
C ASP A 7 -8.02 0.80 15.98
N ARG A 8 -8.26 -0.28 16.72
CA ARG A 8 -9.64 -0.68 17.01
C ARG A 8 -10.39 0.40 17.78
N ILE A 9 -9.72 1.00 18.73
CA ILE A 9 -10.33 2.04 19.57
C ILE A 9 -10.55 3.30 18.73
N LEU A 10 -9.56 3.64 17.91
CA LEU A 10 -9.69 4.82 17.05
C LEU A 10 -10.78 4.63 16.01
N ALA A 11 -10.86 3.43 15.42
CA ALA A 11 -11.87 3.16 14.40
C ALA A 11 -13.28 3.23 14.97
N ALA A 12 -13.48 2.68 16.17
CA ALA A 12 -14.77 2.75 16.83
C ALA A 12 -15.16 4.20 17.07
N GLN A 13 -14.21 5.02 17.52
CA GLN A 13 -14.51 6.43 17.76
C GLN A 13 -14.85 7.15 16.44
N ALA A 14 -14.08 6.87 15.40
CA ALA A 14 -14.33 7.47 14.08
C ALA A 14 -15.70 7.07 13.57
N ALA A 15 -16.04 5.79 13.74
CA ALA A 15 -17.34 5.31 13.27
C ALA A 15 -18.50 5.98 14.02
N SER A 16 -18.23 6.36 15.28
CA SER A 16 -19.24 7.03 16.09
C SER A 16 -19.33 8.54 15.80
N GLY A 17 -18.51 9.04 14.90
CA GLY A 17 -18.58 10.45 14.50
C GLY A 17 -17.38 11.31 14.84
N ASN A 18 -16.32 10.70 15.34
CA ASN A 18 -15.21 11.46 15.84
C ASN A 18 -14.17 11.69 14.73
N GLN A 19 -14.17 12.89 14.16
CA GLN A 19 -13.29 13.20 13.05
C GLN A 19 -11.82 13.31 13.48
N ARG A 20 -11.60 13.63 14.74
CA ARG A 20 -10.25 13.71 15.30
C ARG A 20 -9.60 12.32 15.41
N ALA A 21 -10.38 11.35 15.87
CA ALA A 21 -9.95 9.95 15.87
C ALA A 21 -9.65 9.48 14.44
N PHE A 22 -10.49 9.88 13.49
CA PHE A 22 -10.25 9.49 12.10
C PHE A 22 -8.94 10.10 11.59
N GLY A 23 -8.70 11.36 11.98
CA GLY A 23 -7.46 12.05 11.62
C GLY A 23 -6.23 11.32 12.11
N GLN A 24 -6.33 10.69 13.28
CA GLN A 24 -5.22 9.87 13.77
C GLN A 24 -5.01 8.60 12.95
N LEU A 25 -6.09 8.00 12.46
CA LEU A 25 -5.93 6.86 11.55
C LEU A 25 -5.26 7.30 10.25
N VAL A 26 -5.59 8.49 9.79
CA VAL A 26 -4.94 9.02 8.58
C VAL A 26 -3.44 9.21 8.84
N ALA A 27 -3.11 9.80 9.99
CA ALA A 27 -1.70 9.98 10.36
C ALA A 27 -0.95 8.64 10.44
N ARG A 28 -1.63 7.61 10.93
CA ARG A 28 -0.99 6.31 11.15
C ARG A 28 -0.82 5.50 9.87
N HIS A 29 -1.72 5.71 8.90
CA HIS A 29 -1.75 4.83 7.73
C HIS A 29 -1.49 5.50 6.39
N GLY A 30 -1.44 6.82 6.37
CA GLY A 30 -1.34 7.55 5.11
C GLY A 30 -0.03 7.32 4.38
N VAL A 31 1.05 7.27 5.15
CA VAL A 31 2.37 7.07 4.53
C VAL A 31 2.44 5.73 3.81
N ALA A 32 1.97 4.68 4.47
CA ALA A 32 1.96 3.34 3.88
C ALA A 32 1.07 3.22 2.63
N LEU A 33 -0.08 3.89 2.63
CA LEU A 33 -0.90 3.93 1.41
C LEU A 33 -0.19 4.63 0.26
N ALA A 34 0.45 5.76 0.53
CA ALA A 34 1.19 6.49 -0.50
C ALA A 34 2.39 5.68 -0.96
N GLN A 35 3.03 4.97 -0.03
N GLN A 35 2.99 4.94 -0.04
CA GLN A 35 4.17 4.10 -0.40
CA GLN A 35 4.15 4.10 -0.31
C GLN A 35 3.73 3.05 -1.41
C GLN A 35 3.81 2.94 -1.26
N ALA A 36 2.61 2.39 -1.12
CA ALA A 36 2.07 1.39 -2.03
C ALA A 36 1.77 2.02 -3.40
N ALA A 37 1.09 3.17 -3.40
CA ALA A 37 0.78 3.85 -4.66
C ALA A 37 2.04 4.11 -5.49
N ARG A 38 3.08 4.63 -4.82
CA ARG A 38 4.34 4.92 -5.50
C ARG A 38 5.03 3.65 -6.01
N SER A 39 4.91 2.57 -5.24
CA SER A 39 5.53 1.30 -5.60
C SER A 39 4.90 0.77 -6.88
N PHE A 40 3.62 1.07 -7.07
CA PHE A 40 2.86 0.66 -8.24
C PHE A 40 3.07 1.60 -9.43
N GLY A 41 3.92 2.61 -9.24
CA GLY A 41 4.28 3.53 -10.33
C GLY A 41 3.23 4.59 -10.66
N ILE A 42 2.30 4.81 -9.75
CA ILE A 42 1.28 5.83 -9.98
C ILE A 42 1.96 7.20 -9.99
N PRO A 43 1.61 8.07 -10.96
CA PRO A 43 2.28 9.36 -11.11
C PRO A 43 2.09 10.24 -9.88
N GLU A 44 3.08 11.06 -9.58
CA GLU A 44 3.01 11.89 -8.39
C GLU A 44 1.84 12.86 -8.49
N THR A 45 1.39 13.14 -9.70
CA THR A 45 0.22 13.99 -9.90
C THR A 45 -1.07 13.33 -9.41
N ASP A 46 -1.02 12.01 -9.19
CA ASP A 46 -2.19 11.21 -8.83
C ASP A 46 -2.07 10.53 -7.46
N VAL A 47 -0.87 10.42 -6.91
CA VAL A 47 -0.70 9.71 -5.65
C VAL A 47 -1.50 10.35 -4.52
N ASP A 48 -1.33 11.66 -4.34
CA ASP A 48 -2.02 12.34 -3.24
C ASP A 48 -3.54 12.25 -3.40
N ASP A 49 -4.01 12.34 -4.64
CA ASP A 49 -5.43 12.21 -4.90
C ASP A 49 -6.01 10.84 -4.53
N VAL A 50 -5.31 9.76 -4.90
N VAL A 50 -5.31 9.77 -4.88
CA VAL A 50 -5.75 8.41 -4.58
CA VAL A 50 -5.85 8.43 -4.61
C VAL A 50 -5.83 8.22 -3.09
C VAL A 50 -5.77 8.09 -3.11
N VAL A 51 -4.78 8.63 -2.41
CA VAL A 51 -4.73 8.52 -0.96
C VAL A 51 -5.91 9.28 -0.34
N GLN A 52 -6.12 10.52 -0.77
CA GLN A 52 -7.28 11.29 -0.29
C GLN A 52 -8.61 10.57 -0.56
N ASP A 53 -8.80 10.08 -1.79
CA ASP A 53 -10.04 9.41 -2.18
C ASP A 53 -10.28 8.15 -1.35
N THR A 54 -9.19 7.43 -1.05
CA THR A 54 -9.27 6.24 -0.22
C THR A 54 -9.77 6.58 1.19
N PHE A 55 -9.18 7.61 1.80
CA PHE A 55 -9.63 7.98 3.16
C PHE A 55 -11.03 8.58 3.20
N VAL A 56 -11.39 9.37 2.20
CA VAL A 56 -12.75 9.90 2.12
C VAL A 56 -13.79 8.77 1.98
N ALA A 57 -13.49 7.77 1.14
CA ALA A 57 -14.39 6.63 1.02
C ALA A 57 -14.47 5.83 2.34
N ALA A 58 -13.33 5.67 2.99
CA ALA A 58 -13.29 4.95 4.26
C ALA A 58 -14.15 5.65 5.31
N TRP A 59 -14.02 6.96 5.41
CA TRP A 59 -14.87 7.73 6.32
C TRP A 59 -16.37 7.47 6.09
N HIS A 60 -16.80 7.57 4.84
CA HIS A 60 -18.20 7.38 4.49
C HIS A 60 -18.67 5.94 4.61
N ALA A 61 -17.74 5.00 4.62
CA ALA A 61 -18.13 3.60 4.73
C ALA A 61 -18.02 3.04 6.16
N LEU A 62 -17.56 3.87 7.09
CA LEU A 62 -17.35 3.44 8.47
C LEU A 62 -18.66 2.97 9.10
N ASP A 63 -19.79 3.48 8.63
CA ASP A 63 -21.10 3.04 9.12
C ASP A 63 -21.36 1.55 8.87
N ASP A 64 -20.65 0.98 7.89
CA ASP A 64 -20.84 -0.41 7.51
C ASP A 64 -19.61 -1.25 7.89
N PHE A 65 -18.84 -0.75 8.86
CA PHE A 65 -17.62 -1.42 9.32
C PHE A 65 -17.73 -1.80 10.80
N ASP A 66 -17.50 -3.07 11.11
CA ASP A 66 -17.46 -3.52 12.50
C ASP A 66 -16.06 -3.16 13.02
N PRO A 67 -15.99 -2.27 14.03
CA PRO A 67 -14.69 -1.71 14.45
C PRO A 67 -13.80 -2.73 15.17
N ASP A 68 -14.32 -3.94 15.39
CA ASP A 68 -13.52 -5.01 15.98
C ASP A 68 -12.64 -5.65 14.91
N ARG A 69 -13.01 -5.46 13.64
N ARG A 69 -13.00 -5.44 13.65
CA ARG A 69 -12.26 -6.00 12.51
CA ARG A 69 -12.25 -5.96 12.51
C ARG A 69 -10.98 -5.20 12.27
C ARG A 69 -10.95 -5.19 12.29
N PRO A 70 -9.93 -5.86 11.72
CA PRO A 70 -8.67 -5.16 11.43
C PRO A 70 -8.84 -4.00 10.46
N PHE A 71 -8.51 -2.80 10.93
CA PHE A 71 -8.76 -1.61 10.15
C PHE A 71 -7.83 -1.48 8.94
N ARG A 72 -6.53 -1.76 9.12
CA ARG A 72 -5.63 -1.58 7.98
C ARG A 72 -6.00 -2.44 6.77
N ALA A 73 -6.36 -3.71 7.00
CA ALA A 73 -6.72 -4.55 5.86
C ALA A 73 -7.96 -4.04 5.12
N TRP A 74 -8.93 -3.58 5.89
CA TRP A 74 -10.15 -3.01 5.30
C TRP A 74 -9.83 -1.76 4.49
N LEU A 75 -9.03 -0.87 5.07
CA LEU A 75 -8.60 0.36 4.39
C LEU A 75 -7.86 0.04 3.10
N PHE A 76 -6.95 -0.94 3.13
CA PHE A 76 -6.17 -1.29 1.94
C PHE A 76 -6.97 -1.98 0.84
N ARG A 77 -8.06 -2.66 1.21
N ARG A 77 -8.05 -2.67 1.20
CA ARG A 77 -8.96 -3.20 0.21
CA ARG A 77 -8.95 -3.19 0.19
C ARG A 77 -9.60 -2.06 -0.60
C ARG A 77 -9.55 -2.03 -0.62
N ILE A 78 -9.99 -0.99 0.08
CA ILE A 78 -10.49 0.20 -0.59
C ILE A 78 -9.39 0.83 -1.45
N GLY A 79 -8.22 1.03 -0.84
CA GLY A 79 -7.09 1.67 -1.51
C GLY A 79 -6.59 0.93 -2.75
N LEU A 80 -6.39 -0.38 -2.63
CA LEU A 80 -5.84 -1.16 -3.74
C LEU A 80 -6.79 -1.15 -4.93
N ASN A 81 -8.09 -1.26 -4.69
CA ASN A 81 -9.03 -1.15 -5.80
C ASN A 81 -8.96 0.19 -6.54
N LYS A 82 -8.77 1.28 -5.80
CA LYS A 82 -8.58 2.58 -6.44
C LYS A 82 -7.23 2.68 -7.17
N MET A 83 -6.20 2.03 -6.63
CA MET A 83 -4.89 2.05 -7.27
C MET A 83 -4.88 1.23 -8.56
N ARG A 84 -5.58 0.10 -8.55
CA ARG A 84 -5.61 -0.79 -9.71
C ARG A 84 -6.14 -0.08 -10.94
N ASP A 85 -7.08 0.85 -10.72
CA ASP A 85 -7.67 1.60 -11.82
C ASP A 85 -6.65 2.50 -12.50
N LEU A 86 -5.60 2.87 -11.77
CA LEU A 86 -4.64 3.85 -12.23
C LEU A 86 -3.31 3.26 -12.68
N TYR A 87 -2.83 2.24 -11.98
CA TYR A 87 -1.44 1.82 -12.22
C TYR A 87 -1.15 1.17 -13.58
N ARG A 88 -2.18 0.68 -14.27
CA ARG A 88 -1.99 0.17 -15.64
C ARG A 88 -1.34 1.24 -16.53
N PHE A 89 -1.59 2.50 -16.19
CA PHE A 89 -1.15 3.63 -16.99
C PHE A 89 0.08 4.35 -16.40
N ARG A 90 0.81 3.66 -15.53
CA ARG A 90 2.04 4.21 -14.95
C ARG A 90 3.03 4.66 -16.03
N ARG A 91 3.59 5.86 -15.85
CA ARG A 91 4.61 6.37 -16.78
C ARG A 91 6.00 5.90 -16.37
N ALA A 123 15.63 12.21 -10.12
CA ALA A 123 16.55 13.30 -9.81
C ALA A 123 17.86 12.95 -9.05
N ALA A 124 17.89 12.04 -8.05
CA ALA A 124 16.78 11.23 -7.52
C ALA A 124 15.63 12.07 -6.98
N ARG A 125 14.37 11.65 -7.18
CA ARG A 125 13.95 10.28 -7.47
C ARG A 125 14.03 9.70 -8.89
N LEU A 126 15.25 9.43 -9.36
CA LEU A 126 15.46 8.50 -10.45
C LEU A 126 15.44 7.17 -9.76
N GLU A 127 15.77 7.20 -8.47
CA GLU A 127 15.71 6.03 -7.61
C GLU A 127 14.30 5.49 -7.51
N LEU A 128 13.31 6.39 -7.34
CA LEU A 128 11.92 5.94 -7.25
C LEU A 128 11.45 5.34 -8.56
N ALA A 129 11.81 5.98 -9.68
CA ALA A 129 11.45 5.45 -10.99
C ALA A 129 12.04 4.06 -11.20
N ARG A 130 13.27 3.84 -10.74
CA ARG A 130 13.90 2.52 -10.85
C ARG A 130 13.18 1.45 -10.05
N VAL A 131 12.79 1.76 -8.81
CA VAL A 131 12.03 0.84 -7.98
C VAL A 131 10.71 0.45 -8.65
N ALA A 132 9.95 1.45 -9.07
CA ALA A 132 8.66 1.22 -9.72
C ALA A 132 8.79 0.42 -11.03
N SER A 133 9.81 0.72 -11.82
N SER A 133 9.81 0.73 -11.83
CA SER A 133 9.98 0.02 -13.10
CA SER A 133 10.03 0.04 -13.10
C SER A 133 10.37 -1.44 -12.92
C SER A 133 10.29 -1.45 -12.85
N THR A 134 11.17 -1.73 -11.89
CA THR A 134 11.54 -3.10 -11.57
C THR A 134 10.33 -3.90 -11.06
N LEU A 135 9.62 -3.34 -10.10
CA LEU A 135 8.38 -3.96 -9.60
C LEU A 135 7.35 -4.12 -10.71
N GLY A 136 7.34 -3.16 -11.64
CA GLY A 136 6.43 -3.17 -12.77
C GLY A 136 6.62 -4.32 -13.75
N LYS A 137 7.79 -4.97 -13.72
CA LYS A 137 8.03 -6.14 -14.55
C LYS A 137 7.49 -7.44 -13.94
N LEU A 138 7.14 -7.41 -12.65
CA LEU A 138 6.45 -8.53 -12.03
C LEU A 138 5.03 -8.61 -12.59
N ASP A 139 4.51 -9.82 -12.77
CA ASP A 139 3.10 -10.00 -13.10
C ASP A 139 2.28 -9.39 -11.97
N THR A 140 1.05 -8.97 -12.28
CA THR A 140 0.22 -8.21 -11.35
C THR A 140 0.01 -8.88 -9.99
N GLY A 141 -0.25 -10.18 -9.99
CA GLY A 141 -0.51 -10.91 -8.76
C GLY A 141 0.69 -10.91 -7.82
N SER A 142 1.87 -11.17 -8.36
CA SER A 142 3.03 -11.19 -7.50
C SER A 142 3.51 -9.77 -7.14
N ARG A 143 3.21 -8.80 -7.99
CA ARG A 143 3.56 -7.42 -7.68
C ARG A 143 2.76 -6.97 -6.47
N GLU A 144 1.45 -7.22 -6.47
CA GLU A 144 0.61 -6.79 -5.37
C GLU A 144 1.03 -7.46 -4.05
N VAL A 145 1.33 -8.76 -4.07
N VAL A 145 1.34 -8.75 -4.08
CA VAL A 145 1.71 -9.45 -2.83
CA VAL A 145 1.69 -9.43 -2.84
C VAL A 145 3.03 -8.96 -2.26
C VAL A 145 3.01 -8.91 -2.28
N ILE A 146 3.99 -8.68 -3.14
CA ILE A 146 5.30 -8.22 -2.65
C ILE A 146 5.23 -6.76 -2.14
N VAL A 147 4.38 -5.96 -2.76
CA VAL A 147 4.22 -4.59 -2.27
C VAL A 147 3.55 -4.60 -0.89
N LEU A 148 2.50 -5.39 -0.74
CA LEU A 148 1.79 -5.45 0.54
C LEU A 148 2.64 -6.01 1.67
N THR A 149 3.41 -7.04 1.38
CA THR A 149 4.18 -7.72 2.43
C THR A 149 5.54 -7.09 2.66
N ALA A 150 6.33 -6.95 1.60
CA ALA A 150 7.70 -6.48 1.77
C ALA A 150 7.83 -4.95 1.88
N ILE A 151 6.89 -4.23 1.26
CA ILE A 151 6.97 -2.76 1.27
C ILE A 151 6.13 -2.12 2.38
N VAL A 152 4.83 -2.42 2.46
N VAL A 152 4.85 -2.49 2.44
CA VAL A 152 4.07 -1.85 3.56
CA VAL A 152 3.93 -1.99 3.44
C VAL A 152 4.26 -2.63 4.86
C VAL A 152 4.21 -2.64 4.80
N GLY A 153 4.60 -3.92 4.76
CA GLY A 153 4.93 -4.69 5.96
C GLY A 153 3.84 -5.58 6.51
N MET A 154 2.85 -5.90 5.70
CA MET A 154 1.78 -6.81 6.14
C MET A 154 2.28 -8.23 6.30
N SER A 155 1.72 -8.94 7.29
CA SER A 155 1.91 -10.38 7.38
C SER A 155 1.26 -11.07 6.19
N GLN A 156 1.64 -12.32 5.94
CA GLN A 156 0.99 -13.07 4.87
C GLN A 156 -0.53 -13.24 5.04
N PRO A 157 -1.01 -13.56 6.26
CA PRO A 157 -2.47 -13.59 6.40
C PRO A 157 -3.16 -12.23 6.19
N GLU A 158 -2.49 -11.14 6.56
CA GLU A 158 -3.12 -9.83 6.39
C GLU A 158 -3.21 -9.50 4.90
N ALA A 159 -2.13 -9.78 4.18
CA ALA A 159 -2.14 -9.56 2.74
C ALA A 159 -3.18 -10.45 2.07
N ALA A 160 -3.30 -11.69 2.55
CA ALA A 160 -4.29 -12.63 1.99
C ALA A 160 -5.70 -12.10 2.16
N ALA A 161 -5.94 -11.45 3.30
CA ALA A 161 -7.25 -10.88 3.61
C ALA A 161 -7.57 -9.69 2.70
N VAL A 162 -6.57 -8.85 2.44
CA VAL A 162 -6.74 -7.73 1.51
C VAL A 162 -7.06 -8.22 0.10
N LEU A 163 -6.34 -9.25 -0.33
CA LEU A 163 -6.40 -9.71 -1.72
C LEU A 163 -7.50 -10.73 -2.02
N GLY A 164 -8.16 -11.22 -0.97
CA GLY A 164 -9.15 -12.27 -1.13
C GLY A 164 -8.55 -13.61 -1.55
N LEU A 165 -7.36 -13.92 -1.04
CA LEU A 165 -6.66 -15.17 -1.37
C LEU A 165 -6.49 -16.05 -0.14
N SER A 166 -6.20 -17.34 -0.38
CA SER A 166 -5.79 -18.20 0.71
C SER A 166 -4.37 -17.79 1.10
N VAL A 167 -3.98 -18.07 2.34
CA VAL A 167 -2.66 -17.72 2.80
C VAL A 167 -1.60 -18.52 2.04
N LYS A 168 -1.94 -19.76 1.69
CA LYS A 168 -1.06 -20.59 0.88
C LYS A 168 -0.83 -20.00 -0.53
N ALA A 169 -1.89 -19.42 -1.11
CA ALA A 169 -1.73 -18.76 -2.41
C ALA A 169 -0.76 -17.59 -2.31
N VAL A 170 -0.89 -16.82 -1.22
CA VAL A 170 0.01 -15.70 -0.96
C VAL A 170 1.45 -16.18 -0.82
N GLU A 171 1.67 -17.27 -0.09
CA GLU A 171 3.01 -17.79 0.12
C GLU A 171 3.61 -18.20 -1.24
N GLY A 172 2.78 -18.79 -2.10
CA GLY A 172 3.22 -19.16 -3.43
C GLY A 172 3.61 -17.97 -4.30
N ARG A 173 2.76 -16.95 -4.31
N ARG A 173 2.77 -16.94 -4.29
CA ARG A 173 3.03 -15.74 -5.08
CA ARG A 173 3.03 -15.74 -5.08
C ARG A 173 4.27 -15.01 -4.60
C ARG A 173 4.24 -14.96 -4.59
N ILE A 174 4.51 -15.00 -3.29
CA ILE A 174 5.71 -14.38 -2.74
C ILE A 174 6.97 -15.07 -3.26
N GLY A 175 6.94 -16.39 -3.29
CA GLY A 175 8.03 -17.18 -3.83
C GLY A 175 8.32 -16.84 -5.28
N ARG A 176 7.25 -16.75 -6.08
CA ARG A 176 7.37 -16.40 -7.49
C ARG A 176 7.94 -14.99 -7.67
N ALA A 177 7.44 -14.05 -6.88
CA ALA A 177 7.90 -12.66 -6.93
C ALA A 177 9.38 -12.52 -6.61
N ARG A 178 9.82 -13.25 -5.58
CA ARG A 178 11.22 -13.16 -5.15
C ARG A 178 12.13 -13.75 -6.21
N ALA A 179 11.65 -14.82 -6.85
CA ALA A 179 12.43 -15.47 -7.90
C ALA A 179 12.56 -14.56 -9.12
N LYS A 180 11.48 -13.85 -9.43
CA LYS A 180 11.46 -12.94 -10.57
C LYS A 180 12.37 -11.74 -10.30
N LEU A 181 12.29 -11.19 -9.09
CA LEU A 181 13.12 -10.04 -8.71
C LEU A 181 14.61 -10.40 -8.77
N SER A 182 14.93 -11.58 -8.26
CA SER A 182 16.31 -12.03 -8.24
C SER A 182 16.91 -12.04 -9.66
N ALA A 183 16.15 -12.60 -10.60
CA ALA A 183 16.56 -12.62 -12.02
C ALA A 183 16.72 -11.21 -12.60
N LEU A 184 15.72 -10.37 -12.35
CA LEU A 184 15.75 -9.00 -12.85
C LEU A 184 16.96 -8.25 -12.32
N LEU A 185 17.24 -8.39 -11.03
CA LEU A 185 18.39 -7.74 -10.41
C LEU A 185 19.70 -8.33 -10.93
N ASP A 186 19.75 -9.65 -11.13
CA ASP A 186 20.93 -10.30 -11.74
C ASP A 186 21.25 -9.73 -13.14
N ALA A 187 20.22 -9.41 -13.89
CA ALA A 187 20.38 -8.99 -15.27
C ALA A 187 20.65 -7.50 -15.44
N ASP A 188 20.48 -6.75 -14.35
CA ASP A 188 20.54 -5.30 -14.40
C ASP A 188 21.83 -4.78 -13.76
N SER A 189 22.43 -5.60 -12.89
CA SER A 189 23.62 -5.22 -12.16
C SER A 189 24.78 -4.86 -13.09
N ALA B 2 20.48 -12.71 -6.95
CA ALA B 2 20.65 -11.41 -6.30
C ALA B 2 20.17 -11.43 -4.86
N ASP B 3 20.63 -10.46 -4.07
CA ASP B 3 20.16 -10.31 -2.69
C ASP B 3 18.83 -9.54 -2.71
N VAL B 4 17.75 -10.28 -2.87
CA VAL B 4 16.42 -9.69 -2.98
C VAL B 4 16.03 -8.96 -1.70
N GLU B 5 16.41 -9.52 -0.56
CA GLU B 5 16.08 -8.94 0.73
C GLU B 5 16.64 -7.52 0.86
N GLU B 6 17.91 -7.38 0.52
CA GLU B 6 18.59 -6.09 0.58
C GLU B 6 17.94 -5.07 -0.36
N TRP B 7 17.58 -5.52 -1.56
CA TRP B 7 16.91 -4.62 -2.50
C TRP B 7 15.54 -4.17 -1.99
N LEU B 8 14.77 -5.09 -1.40
CA LEU B 8 13.45 -4.75 -0.88
C LEU B 8 13.53 -3.78 0.30
N THR B 9 14.55 -3.94 1.12
CA THR B 9 14.84 -2.98 2.18
C THR B 9 15.10 -1.59 1.60
N HIS B 10 15.89 -1.57 0.52
CA HIS B 10 16.16 -0.34 -0.22
C HIS B 10 14.87 0.27 -0.82
N ALA B 11 14.07 -0.59 -1.44
CA ALA B 11 12.80 -0.15 -2.03
C ALA B 11 11.86 0.44 -0.99
N ARG B 12 11.77 -0.20 0.17
CA ARG B 12 10.94 0.26 1.28
C ARG B 12 11.39 1.65 1.73
N LYS B 13 12.71 1.82 1.88
CA LYS B 13 13.27 3.09 2.32
C LYS B 13 13.04 4.22 1.30
N VAL B 14 13.28 3.91 0.03
CA VAL B 14 13.08 4.88 -1.05
C VAL B 14 11.61 5.35 -1.12
N THR B 15 10.68 4.40 -1.13
CA THR B 15 9.26 4.75 -1.23
C THR B 15 8.76 5.50 0.01
N GLN B 16 9.27 5.13 1.19
CA GLN B 16 8.89 5.81 2.42
C GLN B 16 9.40 7.26 2.47
N GLU B 17 10.68 7.44 2.17
CA GLU B 17 11.25 8.79 2.18
C GLU B 17 10.52 9.70 1.20
N ALA B 18 10.10 9.15 0.08
CA ALA B 18 9.28 9.87 -0.90
C ALA B 18 7.85 10.17 -0.42
N SER B 19 7.37 9.43 0.59
CA SER B 19 5.96 9.53 0.99
C SER B 19 5.73 10.16 2.38
N ILE B 20 6.76 10.78 2.93
CA ILE B 20 6.66 11.42 4.24
C ILE B 20 5.68 12.59 4.26
N GLY B 21 5.61 13.32 3.15
CA GLY B 21 4.76 14.49 3.07
C GLY B 21 3.28 14.24 2.77
N VAL B 22 2.63 13.44 3.60
CA VAL B 22 1.20 13.19 3.45
C VAL B 22 0.38 14.28 4.13
N ASP B 23 -0.68 14.73 3.46
CA ASP B 23 -1.46 15.87 3.94
C ASP B 23 -2.75 15.46 4.65
N VAL B 24 -2.67 15.30 5.97
CA VAL B 24 -3.81 14.93 6.79
C VAL B 24 -4.86 16.05 6.78
N THR B 25 -4.40 17.30 6.75
CA THR B 25 -5.27 18.46 6.82
C THR B 25 -6.32 18.53 5.70
N SER B 26 -5.87 18.38 4.45
CA SER B 26 -6.79 18.47 3.30
C SER B 26 -7.76 17.30 3.27
N ILE B 27 -7.35 16.17 3.86
CA ILE B 27 -8.23 15.02 4.01
C ILE B 27 -9.32 15.33 5.05
N GLN B 28 -8.92 16.02 6.11
CA GLN B 28 -9.86 16.48 7.13
C GLN B 28 -10.80 17.57 6.61
N GLU B 29 -10.32 18.32 5.62
CA GLU B 29 -11.11 19.39 5.00
C GLU B 29 -12.34 18.80 4.32
N CYS B 30 -12.30 17.51 4.03
CA CYS B 30 -13.47 16.79 3.54
C CYS B 30 -14.28 16.24 4.72
#